data_3S7F
#
_entry.id   3S7F
#
_cell.length_a   156.413
_cell.length_b   156.413
_cell.length_c   52.895
_cell.angle_alpha   90.00
_cell.angle_beta   90.00
_cell.angle_gamma   90.00
#
_symmetry.space_group_name_H-M   'I 4'
#
loop_
_entity.id
_entity.type
_entity.pdbx_description
1 polymer 'N-lysine methyltransferase SMYD2'
2 polymer 'p53 peptide'
3 non-polymer S-ADENOSYLMETHIONINE
4 non-polymer (R,R)-2,3-BUTANEDIOL
5 non-polymer 'ZINC ION'
6 water water
#
loop_
_entity_poly.entity_id
_entity_poly.type
_entity_poly.pdbx_seq_one_letter_code
_entity_poly.pdbx_strand_id
1 'polypeptide(L)'
;MRAEGLGGLERFCSPGKGRGLRALQPFQVGDLLFSCPAYAYVLTVNERGNHCEYCFTRKEGLSKCGRCKQAFYCNVECQK
EDWPMHKLECSPMVVFGENWNPSETVRLTARILAKQKIHPERTPSEKLLAVKEFESHLDKLDNEKKDLIQSDIAALHHFY
SKHLEFPDNDSLVVLFAQVNCNGFTIEDEELSHLGSAIFPDVALMNHSCCPNVIVTYKGTLAEVRAVQEIKPGEEVFTSY
IDLLYPTEDRNDRLRDSYFFTCECQECTTKDKDKAKVEIRKLSDPPKAEAIRDMVRYARNVIEEFRRAKHYKSPSELLEI
CELSQEKMSSVFEDSNVYMLHMMYQAMGVCLYMQDWEGALQYGQKIIKPYSKHYPLYSLNVASMWLKLGRLYMGLEHKAA
GEKALKKAIAIMEVAHGKDHPYISEIKQEIESH
;
A
2 'polypeptide(L)' SSHLKSKKGQSTS I
#
loop_
_chem_comp.id
_chem_comp.type
_chem_comp.name
_chem_comp.formula
BU3 non-polymer (R,R)-2,3-BUTANEDIOL 'C4 H10 O2'
SAM non-polymer S-ADENOSYLMETHIONINE 'C15 H22 N6 O5 S'
ZN non-polymer 'ZINC ION' 'Zn 2'
#
# COMPACT_ATOMS: atom_id res chain seq x y z
N GLY A 5 15.05 -12.36 19.41
CA GLY A 5 14.31 -12.56 18.17
C GLY A 5 12.80 -12.69 18.34
N LEU A 6 12.12 -13.45 17.41
CA LEU A 6 10.65 -13.70 17.38
C LEU A 6 10.41 -15.20 17.45
N GLY A 7 9.63 -15.64 18.43
CA GLY A 7 9.31 -17.05 18.62
C GLY A 7 8.75 -17.74 17.38
N GLY A 8 9.23 -18.95 17.12
CA GLY A 8 8.82 -19.76 15.98
C GLY A 8 9.35 -19.30 14.64
N LEU A 9 10.21 -18.30 14.63
CA LEU A 9 10.80 -17.73 13.41
C LEU A 9 12.30 -17.42 13.61
N GLU A 10 13.01 -17.19 12.50
CA GLU A 10 14.41 -16.77 12.54
C GLU A 10 14.86 -16.04 11.29
N ARG A 11 15.86 -15.18 11.44
CA ARG A 11 16.53 -14.51 10.33
C ARG A 11 17.48 -15.55 9.75
N PHE A 12 17.65 -15.54 8.42
CA PHE A 12 18.55 -16.46 7.71
C PHE A 12 19.01 -15.81 6.40
N CYS A 13 20.00 -16.45 5.76
CA CYS A 13 20.52 -16.04 4.46
C CYS A 13 19.76 -16.80 3.41
N SER A 14 18.92 -16.07 2.68
CA SER A 14 18.11 -16.64 1.61
C SER A 14 18.95 -16.58 0.33
N PRO A 15 19.41 -17.74 -0.22
CA PRO A 15 20.28 -17.71 -1.40
C PRO A 15 19.71 -16.91 -2.56
N GLY A 16 20.44 -15.86 -2.93
CA GLY A 16 20.08 -14.96 -4.02
C GLY A 16 19.00 -13.98 -3.68
N LYS A 17 18.65 -13.87 -2.38
CA LYS A 17 17.64 -12.93 -1.84
C LYS A 17 18.13 -12.27 -0.55
N GLY A 18 19.43 -12.24 -0.31
CA GLY A 18 20.03 -11.62 0.87
C GLY A 18 19.57 -12.23 2.17
N ARG A 19 19.13 -11.41 3.11
CA ARG A 19 18.61 -11.89 4.39
C ARG A 19 17.11 -12.07 4.27
N GLY A 20 16.58 -13.04 4.97
CA GLY A 20 15.16 -13.31 4.96
C GLY A 20 14.63 -13.84 6.28
N LEU A 21 13.34 -14.15 6.30
CA LEU A 21 12.67 -14.68 7.48
C LEU A 21 12.26 -16.14 7.21
N ARG A 22 12.57 -17.05 8.13
CA ARG A 22 12.30 -18.47 8.00
C ARG A 22 11.47 -18.98 9.17
N ALA A 23 10.52 -19.88 8.90
CA ALA A 23 9.67 -20.54 9.91
C ALA A 23 10.37 -21.69 10.60
N LEU A 24 10.14 -21.82 11.91
CA LEU A 24 10.73 -22.89 12.73
C LEU A 24 9.60 -23.77 13.32
N GLN A 25 8.37 -23.40 13.01
CA GLN A 25 7.19 -24.11 13.48
C GLN A 25 6.13 -24.00 12.39
N PRO A 26 5.09 -24.87 12.38
CA PRO A 26 4.04 -24.69 11.37
C PRO A 26 3.14 -23.48 11.67
N PHE A 27 2.63 -22.86 10.60
CA PHE A 27 1.64 -21.78 10.68
C PHE A 27 0.47 -22.19 9.77
N GLN A 28 -0.76 -22.12 10.28
CA GLN A 28 -1.94 -22.45 9.48
C GLN A 28 -2.51 -21.16 8.90
N VAL A 29 -3.32 -21.26 7.83
CA VAL A 29 -3.96 -20.11 7.21
C VAL A 29 -4.69 -19.29 8.33
N GLY A 30 -4.40 -18.00 8.37
CA GLY A 30 -5.02 -17.12 9.36
C GLY A 30 -4.26 -16.96 10.66
N ASP A 31 -3.20 -17.77 10.90
CA ASP A 31 -2.42 -17.62 12.14
C ASP A 31 -1.57 -16.36 12.07
N LEU A 32 -1.47 -15.64 13.22
CA LEU A 32 -0.60 -14.46 13.40
C LEU A 32 0.85 -14.98 13.64
N LEU A 33 1.76 -14.67 12.72
CA LEU A 33 3.15 -15.08 12.83
C LEU A 33 3.82 -14.20 13.84
N PHE A 34 3.61 -12.87 13.73
CA PHE A 34 4.14 -11.84 14.62
C PHE A 34 3.49 -10.50 14.34
N SER A 35 3.71 -9.58 15.28
CA SER A 35 3.28 -8.18 15.32
C SER A 35 4.53 -7.33 15.37
N CYS A 36 4.46 -6.12 14.81
CA CYS A 36 5.61 -5.23 14.84
C CYS A 36 5.14 -3.80 15.10
N PRO A 37 5.49 -3.18 16.24
CA PRO A 37 5.12 -1.77 16.43
C PRO A 37 5.90 -0.89 15.45
N ALA A 38 5.27 0.15 14.90
CA ALA A 38 5.96 1.06 13.96
C ALA A 38 7.19 1.67 14.62
N TYR A 39 8.30 1.63 13.94
CA TYR A 39 9.52 2.25 14.44
C TYR A 39 9.35 3.80 14.29
N ALA A 40 8.89 4.25 13.11
CA ALA A 40 8.60 5.64 12.77
C ALA A 40 7.40 5.56 11.85
N TYR A 41 6.52 6.59 11.89
CA TYR A 41 5.29 6.59 11.11
C TYR A 41 4.79 7.99 10.97
N VAL A 42 3.97 8.21 9.96
CA VAL A 42 3.47 9.54 9.70
C VAL A 42 2.06 9.45 9.12
N LEU A 43 1.08 10.21 9.67
CA LEU A 43 -0.27 10.20 9.08
C LEU A 43 -0.22 11.09 7.82
N THR A 44 -0.74 10.59 6.68
CA THR A 44 -0.79 11.36 5.43
C THR A 44 -1.58 12.66 5.61
N VAL A 45 -1.14 13.77 4.96
CA VAL A 45 -1.79 15.10 5.05
C VAL A 45 -3.32 15.03 4.82
N ASN A 46 -3.77 14.36 3.74
CA ASN A 46 -5.20 14.24 3.41
C ASN A 46 -6.09 13.51 4.44
N GLU A 47 -5.48 12.82 5.40
CA GLU A 47 -6.21 12.09 6.42
C GLU A 47 -6.28 12.82 7.78
N ARG A 48 -5.66 14.01 7.86
CA ARG A 48 -5.67 14.85 9.07
C ARG A 48 -7.12 15.29 9.35
N GLY A 49 -7.55 15.09 10.59
CA GLY A 49 -8.92 15.38 10.98
C GLY A 49 -9.79 14.15 11.01
N ASN A 50 -9.39 13.08 10.27
CA ASN A 50 -10.13 11.82 10.15
C ASN A 50 -9.60 10.76 11.09
N HIS A 51 -8.27 10.75 11.29
CA HIS A 51 -7.54 9.82 12.12
C HIS A 51 -6.67 10.55 13.10
N CYS A 52 -6.47 9.93 14.26
CA CYS A 52 -5.58 10.45 15.28
C CYS A 52 -4.13 10.30 14.81
N GLU A 53 -3.38 11.38 14.87
CA GLU A 53 -1.97 11.53 14.50
C GLU A 53 -1.13 10.49 15.25
N TYR A 54 -1.41 10.26 16.54
CA TYR A 54 -0.63 9.34 17.38
C TYR A 54 -0.90 7.85 17.19
N CYS A 55 -2.17 7.45 17.29
CA CYS A 55 -2.56 6.03 17.25
C CYS A 55 -3.30 5.59 15.98
N PHE A 56 -3.62 6.53 15.07
CA PHE A 56 -4.31 6.29 13.79
C PHE A 56 -5.79 5.88 13.92
N THR A 57 -6.38 6.01 15.12
CA THR A 57 -7.79 5.70 15.38
C THR A 57 -8.66 6.61 14.54
N ARG A 58 -9.59 6.01 13.78
CA ARG A 58 -10.53 6.75 12.95
C ARG A 58 -11.72 7.01 13.86
N LYS A 59 -12.00 8.30 14.11
CA LYS A 59 -13.04 8.75 15.05
C LYS A 59 -13.55 10.12 14.64
N GLU A 60 -14.80 10.41 15.06
CA GLU A 60 -15.46 11.70 14.92
C GLU A 60 -15.06 12.47 16.18
N GLY A 61 -15.00 13.80 16.08
CA GLY A 61 -14.69 14.66 17.22
C GLY A 61 -13.29 14.53 17.80
N LEU A 62 -12.30 14.45 16.90
CA LEU A 62 -10.90 14.42 17.29
C LEU A 62 -10.50 15.86 17.70
N SER A 63 -9.68 16.00 18.75
CA SER A 63 -9.20 17.28 19.25
C SER A 63 -8.05 17.85 18.39
N LYS A 64 -8.19 19.09 17.95
CA LYS A 64 -7.24 19.81 17.10
C LYS A 64 -6.09 20.38 17.94
N CYS A 65 -4.82 20.31 17.43
CA CYS A 65 -3.67 20.92 18.12
C CYS A 65 -3.89 22.42 18.07
N GLY A 66 -3.86 23.05 19.24
CA GLY A 66 -4.11 24.46 19.40
C GLY A 66 -3.15 25.39 18.67
N ARG A 67 -1.90 24.95 18.47
CA ARG A 67 -0.89 25.79 17.83
C ARG A 67 -0.93 25.82 16.31
N CYS A 68 -0.78 24.66 15.70
CA CYS A 68 -0.75 24.56 14.25
C CYS A 68 -2.15 24.41 13.66
N LYS A 69 -3.12 23.84 14.42
CA LYS A 69 -4.49 23.56 13.99
C LYS A 69 -4.51 22.55 12.81
N GLN A 70 -3.40 21.82 12.63
CA GLN A 70 -3.22 20.87 11.54
C GLN A 70 -2.75 19.47 12.01
N ALA A 71 -3.09 19.14 13.27
CA ALA A 71 -2.87 17.82 13.87
C ALA A 71 -4.06 17.57 14.77
N PHE A 72 -4.62 16.35 14.69
CA PHE A 72 -5.81 15.97 15.43
C PHE A 72 -5.57 14.72 16.22
N TYR A 73 -6.10 14.68 17.46
CA TYR A 73 -5.90 13.60 18.41
C TYR A 73 -7.17 13.13 19.07
N CYS A 74 -7.12 11.89 19.64
CA CYS A 74 -8.22 11.27 20.41
C CYS A 74 -8.52 12.13 21.64
N ASN A 75 -7.44 12.53 22.34
CA ASN A 75 -7.44 13.25 23.60
C ASN A 75 -6.05 13.86 23.85
N VAL A 76 -5.88 14.47 25.02
CA VAL A 76 -4.66 15.10 25.49
C VAL A 76 -3.49 14.09 25.66
N GLU A 77 -3.78 12.79 25.93
CA GLU A 77 -2.71 11.79 26.05
C GLU A 77 -2.08 11.47 24.70
N CYS A 78 -2.92 11.21 23.65
CA CYS A 78 -2.45 10.97 22.29
C CYS A 78 -1.64 12.23 21.83
N GLN A 79 -2.16 13.45 22.12
CA GLN A 79 -1.48 14.71 21.82
C GLN A 79 -0.08 14.76 22.44
N LYS A 80 0.02 14.50 23.77
CA LYS A 80 1.26 14.50 24.57
C LYS A 80 2.26 13.46 24.06
N GLU A 81 1.78 12.24 23.79
CA GLU A 81 2.62 11.14 23.33
C GLU A 81 3.18 11.39 21.95
N ASP A 82 2.44 12.15 21.12
CA ASP A 82 2.87 12.47 19.75
C ASP A 82 3.80 13.68 19.67
N TRP A 83 3.82 14.53 20.71
CA TRP A 83 4.65 15.75 20.75
C TRP A 83 6.14 15.58 20.35
N PRO A 84 6.90 14.55 20.85
CA PRO A 84 8.28 14.39 20.41
C PRO A 84 8.46 14.35 18.89
N MET A 85 7.43 13.82 18.16
CA MET A 85 7.40 13.72 16.70
C MET A 85 6.70 14.94 16.09
N HIS A 86 5.55 15.30 16.66
CA HIS A 86 4.79 16.46 16.17
C HIS A 86 5.55 17.79 16.24
N LYS A 87 6.48 17.95 17.23
CA LYS A 87 7.24 19.18 17.37
C LYS A 87 8.10 19.50 16.16
N LEU A 88 8.49 18.47 15.36
CA LEU A 88 9.25 18.63 14.13
C LEU A 88 8.49 19.42 13.07
N GLU A 89 7.15 19.44 13.18
CA GLU A 89 6.28 20.06 12.20
C GLU A 89 5.36 21.14 12.72
N CYS A 90 5.05 21.13 14.03
CA CYS A 90 4.12 22.08 14.62
C CYS A 90 4.37 23.57 14.29
N SER A 91 5.43 24.18 14.85
CA SER A 91 5.75 25.58 14.56
C SER A 91 6.14 25.76 13.06
N PRO A 92 6.95 24.86 12.41
CA PRO A 92 7.24 25.02 10.98
C PRO A 92 5.99 25.20 10.08
N MET A 93 4.89 24.43 10.33
CA MET A 93 3.64 24.56 9.57
C MET A 93 3.04 25.95 9.71
N VAL A 94 3.10 26.56 10.89
CA VAL A 94 2.55 27.92 11.04
C VAL A 94 3.50 29.00 10.44
N VAL A 95 4.84 28.81 10.57
CA VAL A 95 5.85 29.73 10.04
C VAL A 95 5.88 29.70 8.48
N PHE A 96 6.02 28.51 7.88
CA PHE A 96 6.05 28.36 6.44
C PHE A 96 4.65 28.51 5.80
N GLY A 97 3.61 28.33 6.59
CA GLY A 97 2.23 28.44 6.12
C GLY A 97 1.95 27.60 4.88
N GLU A 98 1.57 28.29 3.78
CA GLU A 98 1.26 27.71 2.46
C GLU A 98 2.50 27.07 1.84
N ASN A 99 3.70 27.58 2.21
CA ASN A 99 4.99 27.09 1.70
C ASN A 99 5.45 25.77 2.33
N TRP A 100 4.74 25.25 3.36
CA TRP A 100 5.08 24.02 4.01
C TRP A 100 4.57 22.85 3.14
N ASN A 101 5.50 22.20 2.42
CA ASN A 101 5.11 21.10 1.56
C ASN A 101 6.16 19.96 1.48
N PRO A 102 6.78 19.47 2.59
CA PRO A 102 7.74 18.38 2.44
C PRO A 102 7.01 17.11 1.96
N SER A 103 7.68 16.27 1.14
CA SER A 103 7.08 15.01 0.68
C SER A 103 6.92 14.06 1.88
N GLU A 104 6.01 13.07 1.77
CA GLU A 104 5.79 12.08 2.83
C GLU A 104 7.08 11.34 3.23
N THR A 105 7.94 11.05 2.25
CA THR A 105 9.23 10.41 2.49
C THR A 105 10.12 11.27 3.40
N VAL A 106 10.20 12.59 3.12
CA VAL A 106 10.96 13.56 3.91
C VAL A 106 10.37 13.63 5.36
N ARG A 107 9.01 13.72 5.49
CA ARG A 107 8.32 13.74 6.76
C ARG A 107 8.66 12.49 7.56
N LEU A 108 8.58 11.30 6.94
CA LEU A 108 8.93 10.05 7.63
C LEU A 108 10.43 10.02 8.01
N THR A 109 11.32 10.43 7.08
CA THR A 109 12.75 10.40 7.32
C THR A 109 13.17 11.32 8.47
N ALA A 110 12.49 12.49 8.62
CA ALA A 110 12.74 13.42 9.73
C ALA A 110 12.49 12.69 11.04
N ARG A 111 11.42 11.86 11.08
CA ARG A 111 11.00 11.08 12.25
C ARG A 111 11.95 9.96 12.57
N ILE A 112 12.58 9.37 11.53
CA ILE A 112 13.58 8.34 11.73
C ILE A 112 14.78 8.99 12.41
N LEU A 113 15.26 10.14 11.87
CA LEU A 113 16.39 10.87 12.46
C LEU A 113 16.12 11.28 13.91
N ALA A 114 14.87 11.74 14.22
CA ALA A 114 14.46 12.14 15.55
C ALA A 114 14.47 10.97 16.51
N LYS A 115 13.95 9.79 16.08
CA LYS A 115 13.93 8.55 16.86
C LYS A 115 15.35 8.06 17.15
N GLN A 116 16.27 8.13 16.14
CA GLN A 116 17.68 7.74 16.32
C GLN A 116 18.38 8.57 17.40
N LYS A 117 17.97 9.83 17.58
CA LYS A 117 18.56 10.71 18.60
C LYS A 117 18.04 10.37 20.00
N ILE A 118 16.73 10.16 20.11
CA ILE A 118 16.06 9.84 21.38
C ILE A 118 16.37 8.43 21.83
N HIS A 119 16.30 7.46 20.90
CA HIS A 119 16.45 6.05 21.17
C HIS A 119 17.54 5.42 20.25
N PRO A 120 18.84 5.68 20.50
CA PRO A 120 19.88 5.10 19.64
C PRO A 120 19.99 3.57 19.71
N GLU A 121 19.60 2.97 20.84
CA GLU A 121 19.65 1.52 21.04
C GLU A 121 18.59 0.83 20.19
N ARG A 122 18.74 -0.48 20.03
CA ARG A 122 17.81 -1.36 19.31
C ARG A 122 16.43 -1.31 19.99
N THR A 123 15.36 -1.10 19.20
CA THR A 123 13.97 -0.98 19.66
C THR A 123 13.23 -2.31 19.60
N PRO A 124 12.02 -2.43 20.22
CA PRO A 124 11.27 -3.69 20.12
C PRO A 124 10.76 -3.98 18.70
N SER A 125 10.95 -3.02 17.78
CA SER A 125 10.57 -3.11 16.36
C SER A 125 11.72 -3.74 15.54
N GLU A 126 12.90 -3.92 16.18
CA GLU A 126 14.12 -4.41 15.56
C GLU A 126 14.63 -5.68 16.21
N LYS A 127 13.72 -6.63 16.50
CA LYS A 127 14.12 -7.89 17.15
C LYS A 127 14.98 -8.76 16.22
N LEU A 128 14.80 -8.61 14.89
CA LEU A 128 15.49 -9.42 13.89
C LEU A 128 16.31 -8.62 12.89
N LEU A 129 15.81 -7.45 12.49
CA LEU A 129 16.52 -6.57 11.55
C LEU A 129 16.44 -5.14 12.07
N ALA A 130 17.60 -4.45 12.09
CA ALA A 130 17.72 -3.06 12.54
C ALA A 130 17.60 -2.08 11.36
N VAL A 131 17.12 -0.84 11.62
CA VAL A 131 17.00 0.22 10.62
C VAL A 131 18.37 0.50 10.03
N LYS A 132 19.41 0.54 10.87
CA LYS A 132 20.79 0.76 10.40
C LYS A 132 21.29 -0.33 9.44
N GLU A 133 20.80 -1.59 9.58
CA GLU A 133 21.16 -2.72 8.73
C GLU A 133 20.37 -2.78 7.40
N PHE A 134 19.38 -1.91 7.19
CA PHE A 134 18.55 -1.93 5.98
C PHE A 134 19.33 -1.93 4.69
N GLU A 135 18.85 -2.66 3.72
CA GLU A 135 19.41 -2.67 2.39
C GLU A 135 19.05 -1.33 1.70
N SER A 136 20.03 -0.68 1.10
CA SER A 136 19.84 0.62 0.46
C SER A 136 19.86 0.63 -1.06
N HIS A 137 20.63 -0.30 -1.67
CA HIS A 137 20.82 -0.30 -3.12
C HIS A 137 21.49 0.98 -3.64
N LEU A 138 22.31 1.58 -2.77
CA LEU A 138 23.05 2.81 -3.05
C LEU A 138 23.85 2.62 -4.33
N ASP A 139 24.52 1.46 -4.49
CA ASP A 139 25.37 1.14 -5.65
C ASP A 139 24.62 1.07 -6.99
N LYS A 140 23.30 0.80 -6.94
CA LYS A 140 22.41 0.63 -8.08
C LYS A 140 21.70 1.92 -8.55
N LEU A 141 21.79 2.99 -7.76
CA LEU A 141 21.20 4.29 -8.01
C LEU A 141 21.79 4.96 -9.25
N ASP A 142 20.92 5.36 -10.19
CA ASP A 142 21.39 6.12 -11.37
C ASP A 142 21.34 7.63 -11.08
N ASN A 143 21.72 8.48 -12.05
CA ASN A 143 21.68 9.94 -11.87
C ASN A 143 20.26 10.46 -11.56
N GLU A 144 19.23 9.91 -12.21
CA GLU A 144 17.83 10.30 -12.02
C GLU A 144 17.36 10.05 -10.56
N LYS A 145 17.69 8.87 -9.98
CA LYS A 145 17.33 8.50 -8.62
C LYS A 145 18.13 9.29 -7.59
N LYS A 146 19.44 9.53 -7.86
CA LYS A 146 20.26 10.34 -6.95
C LYS A 146 19.75 11.80 -6.92
N ASP A 147 19.27 12.32 -8.06
CA ASP A 147 18.71 13.67 -8.16
C ASP A 147 17.42 13.78 -7.37
N LEU A 148 16.59 12.73 -7.40
CA LEU A 148 15.34 12.71 -6.63
C LEU A 148 15.62 12.68 -5.11
N ILE A 149 16.61 11.84 -4.69
CA ILE A 149 17.10 11.76 -3.31
C ILE A 149 17.72 13.12 -2.86
N GLN A 150 18.44 13.81 -3.77
CA GLN A 150 19.01 15.14 -3.47
C GLN A 150 17.94 16.19 -3.23
N SER A 151 16.82 16.17 -4.00
CA SER A 151 15.67 17.04 -3.78
C SER A 151 15.12 16.79 -2.37
N ASP A 152 14.97 15.50 -1.99
CA ASP A 152 14.49 15.05 -0.68
C ASP A 152 15.40 15.55 0.46
N ILE A 153 16.73 15.40 0.30
CA ILE A 153 17.72 15.90 1.27
C ILE A 153 17.61 17.46 1.44
N ALA A 154 17.45 18.22 0.33
CA ALA A 154 17.27 19.68 0.36
C ALA A 154 15.99 20.05 1.10
N ALA A 155 14.91 19.28 0.93
CA ALA A 155 13.63 19.53 1.60
C ALA A 155 13.77 19.24 3.11
N LEU A 156 14.58 18.21 3.46
CA LEU A 156 14.81 17.82 4.84
C LEU A 156 15.51 18.99 5.58
N HIS A 157 16.59 19.54 4.99
CA HIS A 157 17.31 20.68 5.55
C HIS A 157 16.40 21.90 5.58
N HIS A 158 15.59 22.12 4.54
CA HIS A 158 14.67 23.26 4.37
C HIS A 158 13.59 23.32 5.46
N PHE A 159 12.99 22.18 5.79
CA PHE A 159 11.88 22.13 6.74
C PHE A 159 12.15 21.57 8.13
N TYR A 160 13.25 20.82 8.29
CA TYR A 160 13.52 20.13 9.55
C TYR A 160 14.87 20.46 10.22
N SER A 161 15.45 21.63 9.95
CA SER A 161 16.74 21.97 10.57
C SER A 161 16.68 22.39 12.05
N LYS A 162 15.47 22.69 12.58
CA LYS A 162 15.35 23.20 13.95
C LYS A 162 15.80 22.25 15.03
N HIS A 163 15.33 20.99 14.97
CA HIS A 163 15.56 19.98 16.00
C HIS A 163 16.51 18.87 15.66
N LEU A 164 16.82 18.73 14.38
CA LEU A 164 17.64 17.64 13.90
C LEU A 164 19.09 18.00 13.72
N GLU A 165 19.97 17.07 14.08
CA GLU A 165 21.42 17.19 13.86
C GLU A 165 21.69 16.23 12.71
N PHE A 166 21.91 16.81 11.53
CA PHE A 166 22.08 16.02 10.33
C PHE A 166 23.42 15.30 10.17
N PRO A 167 23.44 14.02 9.68
CA PRO A 167 24.74 13.40 9.35
C PRO A 167 25.25 14.00 8.02
N ASP A 168 26.39 13.51 7.46
CA ASP A 168 26.84 14.05 6.18
C ASP A 168 25.85 13.68 5.05
N ASN A 169 25.96 14.34 3.87
CA ASN A 169 25.08 14.05 2.75
C ASN A 169 25.10 12.56 2.35
N ASP A 170 26.28 11.93 2.38
CA ASP A 170 26.44 10.50 2.07
C ASP A 170 25.60 9.59 2.95
N SER A 171 25.52 9.89 4.28
CA SER A 171 24.71 9.11 5.21
C SER A 171 23.22 9.34 4.95
N LEU A 172 22.86 10.56 4.51
CA LEU A 172 21.48 10.91 4.17
C LEU A 172 21.02 10.24 2.89
N VAL A 173 21.90 10.07 1.88
CA VAL A 173 21.50 9.38 0.65
C VAL A 173 21.20 7.90 0.94
N VAL A 174 22.03 7.27 1.79
CA VAL A 174 21.88 5.87 2.23
C VAL A 174 20.56 5.77 3.01
N LEU A 175 20.26 6.75 3.86
CA LEU A 175 19.01 6.72 4.60
C LEU A 175 17.76 6.82 3.70
N PHE A 176 17.69 7.86 2.84
CA PHE A 176 16.59 8.02 1.89
C PHE A 176 16.43 6.75 1.00
N ALA A 177 17.54 6.12 0.61
CA ALA A 177 17.49 4.92 -0.21
C ALA A 177 16.95 3.75 0.60
N GLN A 178 17.32 3.64 1.90
CA GLN A 178 16.85 2.58 2.79
C GLN A 178 15.36 2.71 3.03
N VAL A 179 14.87 3.95 3.16
CA VAL A 179 13.45 4.30 3.34
C VAL A 179 12.64 3.89 2.10
N ASN A 180 13.13 4.16 0.88
CA ASN A 180 12.44 3.77 -0.36
C ASN A 180 12.38 2.27 -0.50
N CYS A 181 13.41 1.62 -0.04
CA CYS A 181 13.52 0.19 -0.13
C CYS A 181 12.76 -0.59 0.92
N ASN A 182 12.61 -0.01 2.11
CA ASN A 182 12.04 -0.72 3.23
C ASN A 182 10.74 -0.17 3.83
N GLY A 183 10.35 1.04 3.38
CA GLY A 183 9.16 1.74 3.85
C GLY A 183 7.86 1.05 3.49
N PHE A 184 6.85 1.21 4.36
CA PHE A 184 5.52 0.68 4.12
C PHE A 184 4.49 1.79 4.05
N THR A 185 3.48 1.59 3.24
CA THR A 185 2.32 2.47 3.18
C THR A 185 1.34 1.77 4.13
N ILE A 186 0.65 2.55 4.99
CA ILE A 186 -0.38 1.98 5.86
C ILE A 186 -1.71 2.31 5.17
N GLU A 187 -2.54 1.28 4.92
CA GLU A 187 -3.81 1.39 4.21
C GLU A 187 -4.93 1.03 5.14
N ASP A 188 -6.12 1.57 4.85
CA ASP A 188 -7.29 1.24 5.64
C ASP A 188 -7.97 0.00 5.07
N GLU A 189 -9.21 -0.31 5.50
CA GLU A 189 -9.95 -1.48 5.06
C GLU A 189 -10.36 -1.44 3.56
N GLU A 190 -10.39 -0.25 2.97
CA GLU A 190 -10.72 -0.03 1.57
C GLU A 190 -9.45 0.17 0.75
N LEU A 191 -8.25 -0.12 1.36
CA LEU A 191 -6.91 0.04 0.78
C LEU A 191 -6.55 1.49 0.48
N SER A 192 -7.23 2.43 1.18
CA SER A 192 -6.98 3.84 1.05
C SER A 192 -5.70 4.16 1.85
N HIS A 193 -4.80 4.99 1.27
CA HIS A 193 -3.53 5.39 1.88
C HIS A 193 -3.79 6.23 3.12
N LEU A 194 -3.25 5.76 4.27
CA LEU A 194 -3.38 6.43 5.56
C LEU A 194 -2.11 7.17 5.94
N GLY A 195 -0.98 6.58 5.60
CA GLY A 195 0.32 7.13 5.95
C GLY A 195 1.44 6.19 5.57
N SER A 196 2.64 6.45 6.07
CA SER A 196 3.86 5.74 5.76
C SER A 196 4.55 5.43 7.04
N ALA A 197 5.28 4.31 7.07
CA ALA A 197 5.92 3.83 8.28
C ALA A 197 7.10 2.95 8.03
N ILE A 198 7.90 2.76 9.10
CA ILE A 198 9.03 1.85 9.13
C ILE A 198 8.68 0.71 10.08
N PHE A 199 8.68 -0.53 9.57
CA PHE A 199 8.42 -1.74 10.37
C PHE A 199 9.65 -2.62 10.13
N PRO A 200 10.75 -2.43 10.88
CA PRO A 200 12.00 -3.15 10.55
C PRO A 200 11.92 -4.66 10.43
N ASP A 201 11.28 -5.31 11.39
CA ASP A 201 11.16 -6.77 11.37
C ASP A 201 10.28 -7.26 10.23
N VAL A 202 9.29 -6.46 9.82
CA VAL A 202 8.39 -6.78 8.71
C VAL A 202 9.16 -6.63 7.39
N ALA A 203 10.09 -5.66 7.30
CA ALA A 203 10.89 -5.42 6.10
C ALA A 203 11.95 -6.53 5.85
N LEU A 204 12.20 -7.41 6.84
CA LEU A 204 13.12 -8.54 6.68
C LEU A 204 12.55 -9.51 5.68
N MET A 205 11.21 -9.58 5.58
CA MET A 205 10.56 -10.51 4.63
C MET A 205 10.79 -10.20 3.18
N ASN A 206 11.19 -11.21 2.43
CA ASN A 206 11.39 -11.12 1.00
C ASN A 206 10.05 -11.16 0.25
N HIS A 207 10.08 -10.82 -1.04
CA HIS A 207 8.90 -10.75 -1.89
C HIS A 207 8.62 -12.05 -2.62
N SER A 208 7.34 -12.30 -2.83
CA SER A 208 6.82 -13.34 -3.71
C SER A 208 5.52 -12.86 -4.31
N CYS A 209 5.25 -13.23 -5.56
CA CYS A 209 3.99 -12.94 -6.24
C CYS A 209 2.90 -13.97 -5.81
N CYS A 210 3.30 -14.99 -5.05
CA CYS A 210 2.40 -15.95 -4.42
C CYS A 210 2.84 -16.01 -2.94
N PRO A 211 2.56 -14.89 -2.23
CA PRO A 211 2.98 -14.83 -0.83
C PRO A 211 2.28 -15.80 0.09
N ASN A 212 2.95 -16.15 1.18
CA ASN A 212 2.35 -17.01 2.18
C ASN A 212 1.86 -16.21 3.38
N VAL A 213 2.08 -14.88 3.38
CA VAL A 213 1.61 -13.96 4.42
C VAL A 213 1.05 -12.67 3.85
N ILE A 214 0.20 -12.01 4.65
CA ILE A 214 -0.37 -10.72 4.38
C ILE A 214 -0.04 -9.79 5.55
N VAL A 215 0.35 -8.55 5.21
CA VAL A 215 0.57 -7.56 6.26
C VAL A 215 -0.69 -6.70 6.38
N THR A 216 -1.24 -6.58 7.60
CA THR A 216 -2.37 -5.72 7.91
C THR A 216 -1.96 -4.82 9.07
N TYR A 217 -2.79 -3.80 9.38
CA TYR A 217 -2.49 -2.81 10.42
C TYR A 217 -3.65 -2.65 11.39
N LYS A 218 -3.31 -2.59 12.69
CA LYS A 218 -4.21 -2.37 13.85
C LYS A 218 -3.69 -1.05 14.43
N GLY A 219 -4.16 0.05 13.86
CA GLY A 219 -3.64 1.39 14.16
C GLY A 219 -2.28 1.53 13.49
N THR A 220 -1.21 1.70 14.28
CA THR A 220 0.17 1.79 13.76
C THR A 220 0.93 0.45 13.97
N LEU A 221 0.23 -0.61 14.44
CA LEU A 221 0.83 -1.91 14.66
C LEU A 221 0.69 -2.77 13.42
N ALA A 222 1.81 -3.23 12.83
CA ALA A 222 1.75 -4.17 11.70
C ALA A 222 1.55 -5.58 12.25
N GLU A 223 0.67 -6.35 11.61
CA GLU A 223 0.35 -7.74 11.95
C GLU A 223 0.61 -8.59 10.72
N VAL A 224 1.28 -9.73 10.89
CA VAL A 224 1.64 -10.63 9.77
C VAL A 224 0.92 -11.96 9.95
N ARG A 225 0.02 -12.29 9.02
CA ARG A 225 -0.78 -13.50 9.11
C ARG A 225 -0.60 -14.36 7.88
N ALA A 226 -0.56 -15.70 8.09
CA ALA A 226 -0.46 -16.69 7.03
C ALA A 226 -1.71 -16.72 6.12
N VAL A 227 -1.48 -16.78 4.80
CA VAL A 227 -2.53 -16.90 3.78
C VAL A 227 -2.37 -18.21 3.01
N GLN A 228 -1.37 -18.99 3.40
CA GLN A 228 -1.00 -20.32 2.93
C GLN A 228 -0.41 -21.02 4.14
N GLU A 229 -0.44 -22.35 4.17
CA GLU A 229 0.19 -23.10 5.26
C GLU A 229 1.71 -22.88 5.14
N ILE A 230 2.39 -22.65 6.27
CA ILE A 230 3.83 -22.47 6.28
C ILE A 230 4.40 -23.60 7.16
N LYS A 231 5.41 -24.30 6.65
CA LYS A 231 6.01 -25.41 7.39
C LYS A 231 7.43 -25.08 7.87
N PRO A 232 7.94 -25.76 8.94
CA PRO A 232 9.32 -25.48 9.39
C PRO A 232 10.34 -25.58 8.26
N GLY A 233 11.18 -24.56 8.17
CA GLY A 233 12.23 -24.49 7.14
C GLY A 233 11.87 -23.62 5.96
N GLU A 234 10.55 -23.36 5.78
CA GLU A 234 10.06 -22.54 4.69
C GLU A 234 10.27 -21.06 4.93
N GLU A 235 10.64 -20.33 3.89
CA GLU A 235 10.83 -18.89 3.96
C GLU A 235 9.45 -18.23 3.94
N VAL A 236 9.33 -17.11 4.69
CA VAL A 236 8.12 -16.32 4.81
C VAL A 236 8.20 -15.17 3.80
N PHE A 237 7.25 -15.13 2.85
CA PHE A 237 7.16 -14.13 1.79
C PHE A 237 5.89 -13.35 1.84
N THR A 238 6.02 -12.06 1.56
CA THR A 238 4.91 -11.11 1.46
C THR A 238 4.99 -10.53 0.02
N SER A 239 3.92 -9.93 -0.48
CA SER A 239 3.99 -9.28 -1.78
C SER A 239 4.27 -7.82 -1.55
N TYR A 240 5.25 -7.27 -2.27
CA TYR A 240 5.65 -5.86 -2.17
C TYR A 240 4.77 -4.95 -3.06
N ILE A 241 4.04 -5.53 -4.03
CA ILE A 241 3.33 -4.85 -5.10
C ILE A 241 1.90 -5.37 -5.31
N ASP A 242 1.13 -4.68 -6.18
CA ASP A 242 -0.22 -5.07 -6.61
C ASP A 242 -0.05 -6.25 -7.57
N LEU A 243 -0.61 -7.40 -7.18
CA LEU A 243 -0.50 -8.63 -7.95
C LEU A 243 -1.47 -8.82 -9.12
N LEU A 244 -2.29 -7.81 -9.45
CA LEU A 244 -3.25 -7.89 -10.57
C LEU A 244 -2.53 -8.09 -11.91
N TYR A 245 -1.38 -7.41 -12.07
CA TYR A 245 -0.64 -7.32 -13.33
C TYR A 245 0.10 -8.54 -13.82
N PRO A 246 0.32 -8.68 -15.16
CA PRO A 246 1.08 -9.84 -15.65
C PRO A 246 2.57 -9.75 -15.27
N THR A 247 3.29 -10.86 -15.44
CA THR A 247 4.70 -11.04 -15.07
C THR A 247 5.65 -9.90 -15.44
N GLU A 248 5.62 -9.45 -16.70
CA GLU A 248 6.51 -8.39 -17.14
C GLU A 248 6.29 -7.09 -16.38
N ASP A 249 5.02 -6.70 -16.21
CA ASP A 249 4.61 -5.50 -15.48
C ASP A 249 5.10 -5.55 -14.03
N ARG A 250 4.84 -6.67 -13.35
CA ARG A 250 5.24 -6.90 -11.96
C ARG A 250 6.73 -6.72 -11.76
N ASN A 251 7.55 -7.36 -12.64
CA ASN A 251 9.00 -7.33 -12.61
C ASN A 251 9.59 -6.00 -13.01
N ASP A 252 8.89 -5.22 -13.85
CA ASP A 252 9.31 -3.86 -14.22
C ASP A 252 9.19 -2.99 -12.98
N ARG A 253 8.11 -3.19 -12.20
CA ARG A 253 7.88 -2.46 -10.95
C ARG A 253 8.91 -2.90 -9.89
N LEU A 254 9.15 -4.22 -9.75
CA LEU A 254 10.11 -4.74 -8.78
C LEU A 254 11.53 -4.31 -9.11
N ARG A 255 11.91 -4.30 -10.39
CA ARG A 255 13.25 -3.81 -10.78
C ARG A 255 13.39 -2.34 -10.52
N ASP A 256 12.40 -1.52 -10.88
CA ASP A 256 12.42 -0.05 -10.67
C ASP A 256 12.45 0.39 -9.22
N SER A 257 11.60 -0.17 -8.36
CA SER A 257 11.52 0.24 -6.97
C SER A 257 12.37 -0.58 -5.99
N TYR A 258 12.63 -1.88 -6.32
CA TYR A 258 13.34 -2.80 -5.42
C TYR A 258 14.63 -3.42 -5.96
N PHE A 259 15.01 -3.08 -7.19
CA PHE A 259 16.24 -3.52 -7.82
C PHE A 259 16.45 -5.02 -7.89
N PHE A 260 15.38 -5.78 -8.16
CA PHE A 260 15.50 -7.23 -8.33
C PHE A 260 14.43 -7.73 -9.26
N THR A 261 14.65 -8.94 -9.78
CA THR A 261 13.68 -9.66 -10.61
C THR A 261 13.22 -10.89 -9.80
N CYS A 262 11.88 -11.04 -9.70
CA CYS A 262 11.29 -12.15 -8.99
C CYS A 262 11.34 -13.40 -9.86
N GLU A 263 11.60 -14.54 -9.22
CA GLU A 263 11.62 -15.83 -9.89
C GLU A 263 10.69 -16.77 -9.14
N CYS A 264 9.62 -16.26 -8.45
CA CYS A 264 8.62 -17.08 -7.76
C CYS A 264 7.87 -17.95 -8.74
N GLN A 265 7.02 -18.89 -8.23
CA GLN A 265 6.27 -19.79 -9.11
C GLN A 265 5.45 -19.04 -10.15
N GLU A 266 4.82 -17.91 -9.78
CA GLU A 266 4.05 -17.07 -10.72
C GLU A 266 4.87 -16.48 -11.87
N CYS A 267 6.04 -15.95 -11.54
CA CYS A 267 6.95 -15.34 -12.48
C CYS A 267 7.65 -16.43 -13.39
N THR A 268 7.87 -17.64 -12.84
CA THR A 268 8.49 -18.75 -13.56
C THR A 268 7.52 -19.40 -14.55
N THR A 269 6.37 -19.79 -14.04
CA THR A 269 5.31 -20.46 -14.78
C THR A 269 4.57 -19.54 -15.75
N LYS A 270 4.34 -18.25 -15.33
CA LYS A 270 3.57 -17.21 -16.03
C LYS A 270 2.11 -17.69 -16.26
N ASP A 271 1.60 -18.56 -15.34
CA ASP A 271 0.28 -19.19 -15.44
C ASP A 271 -0.87 -18.23 -15.70
N LYS A 272 -0.93 -17.13 -14.92
CA LYS A 272 -2.02 -16.18 -15.00
C LYS A 272 -1.88 -15.11 -16.08
N ASP A 273 -0.73 -15.04 -16.76
CA ASP A 273 -0.50 -14.02 -17.78
C ASP A 273 -1.50 -14.05 -18.96
N LYS A 274 -1.87 -15.28 -19.42
CA LYS A 274 -2.81 -15.45 -20.55
C LYS A 274 -4.17 -14.81 -20.23
N ALA A 275 -4.81 -15.20 -19.09
CA ALA A 275 -6.08 -14.68 -18.64
C ALA A 275 -6.01 -13.20 -18.30
N LYS A 276 -4.86 -12.72 -17.71
CA LYS A 276 -4.66 -11.33 -17.33
C LYS A 276 -4.68 -10.45 -18.57
N VAL A 277 -4.08 -10.91 -19.69
CA VAL A 277 -4.09 -10.15 -20.94
C VAL A 277 -5.03 -10.85 -21.96
N GLU A 278 -6.26 -11.16 -21.50
CA GLU A 278 -7.28 -11.84 -22.29
C GLU A 278 -7.65 -11.06 -23.55
N ILE A 279 -7.63 -11.75 -24.67
CA ILE A 279 -7.94 -11.19 -25.98
C ILE A 279 -9.33 -11.65 -26.42
N ARG A 280 -10.08 -10.76 -27.11
CA ARG A 280 -11.41 -11.04 -27.65
C ARG A 280 -11.35 -12.19 -28.66
N LYS A 281 -12.34 -13.12 -28.61
CA LYS A 281 -12.44 -14.27 -29.51
C LYS A 281 -13.18 -13.83 -30.80
N LEU A 282 -12.49 -13.05 -31.66
CA LEU A 282 -13.04 -12.50 -32.89
C LEU A 282 -12.92 -13.46 -34.05
N SER A 283 -13.87 -13.37 -35.03
CA SER A 283 -13.90 -14.20 -36.24
C SER A 283 -12.54 -14.11 -36.94
N ASP A 284 -12.03 -12.89 -37.12
CA ASP A 284 -10.69 -12.62 -37.62
C ASP A 284 -9.89 -12.33 -36.34
N PRO A 285 -9.10 -13.31 -35.80
CA PRO A 285 -8.39 -13.07 -34.54
C PRO A 285 -7.34 -11.95 -34.61
N PRO A 286 -7.16 -11.17 -33.53
CA PRO A 286 -6.17 -10.08 -33.58
C PRO A 286 -4.74 -10.59 -33.68
N LYS A 287 -3.96 -9.96 -34.58
CA LYS A 287 -2.57 -10.30 -34.88
C LYS A 287 -1.68 -10.07 -33.65
N ALA A 288 -0.57 -10.84 -33.53
CA ALA A 288 0.40 -10.73 -32.43
C ALA A 288 0.91 -9.30 -32.26
N GLU A 289 1.31 -8.63 -33.36
CA GLU A 289 1.78 -7.24 -33.32
C GLU A 289 0.66 -6.26 -32.89
N ALA A 290 -0.63 -6.57 -33.24
CA ALA A 290 -1.80 -5.76 -32.87
C ALA A 290 -2.05 -5.85 -31.36
N ILE A 291 -1.72 -7.03 -30.74
CA ILE A 291 -1.82 -7.27 -29.29
C ILE A 291 -0.75 -6.43 -28.59
N ARG A 292 0.53 -6.56 -29.06
CA ARG A 292 1.70 -5.86 -28.51
C ARG A 292 1.53 -4.33 -28.53
N ASP A 293 0.89 -3.80 -29.61
CA ASP A 293 0.59 -2.37 -29.78
C ASP A 293 -0.39 -1.91 -28.71
N MET A 294 -1.43 -2.73 -28.44
CA MET A 294 -2.43 -2.43 -27.42
C MET A 294 -1.90 -2.52 -26.00
N VAL A 295 -1.01 -3.48 -25.72
CA VAL A 295 -0.33 -3.62 -24.42
C VAL A 295 0.52 -2.37 -24.17
N ARG A 296 1.23 -1.89 -25.22
CA ARG A 296 2.06 -0.68 -25.16
C ARG A 296 1.19 0.55 -24.88
N TYR A 297 0.05 0.68 -25.60
CA TYR A 297 -0.93 1.76 -25.44
C TYR A 297 -1.49 1.76 -24.01
N ALA A 298 -1.87 0.55 -23.52
CA ALA A 298 -2.44 0.31 -22.20
C ALA A 298 -1.51 0.79 -21.08
N ARG A 299 -0.21 0.45 -21.15
CA ARG A 299 0.77 0.91 -20.16
C ARG A 299 0.95 2.44 -20.22
N ASN A 300 0.89 3.04 -21.43
CA ASN A 300 1.01 4.48 -21.63
C ASN A 300 -0.17 5.24 -21.05
N VAL A 301 -1.42 4.71 -21.22
CA VAL A 301 -2.61 5.39 -20.65
C VAL A 301 -2.60 5.32 -19.11
N ILE A 302 -2.13 4.20 -18.56
CA ILE A 302 -2.01 4.02 -17.12
C ILE A 302 -1.15 5.17 -16.53
N GLU A 303 -0.01 5.49 -17.20
CA GLU A 303 0.93 6.57 -16.82
C GLU A 303 0.37 7.95 -17.10
N GLU A 304 -0.33 8.12 -18.24
CA GLU A 304 -0.99 9.35 -18.63
C GLU A 304 -2.05 9.71 -17.59
N PHE A 305 -2.91 8.72 -17.20
CA PHE A 305 -3.97 8.91 -16.20
C PHE A 305 -3.38 9.26 -14.83
N ARG A 306 -2.29 8.56 -14.41
CA ARG A 306 -1.56 8.77 -13.16
C ARG A 306 -1.18 10.24 -13.01
N ARG A 307 -0.64 10.83 -14.10
CA ARG A 307 -0.26 12.25 -14.15
C ARG A 307 -1.50 13.15 -14.15
N ALA A 308 -2.49 12.81 -15.00
CA ALA A 308 -3.72 13.57 -15.21
C ALA A 308 -4.56 13.77 -13.95
N LYS A 309 -4.60 12.79 -13.02
CA LYS A 309 -5.40 12.96 -11.80
C LYS A 309 -4.99 14.13 -10.92
N HIS A 310 -3.75 14.60 -11.07
CA HIS A 310 -3.20 15.74 -10.33
C HIS A 310 -3.73 17.10 -10.81
N TYR A 311 -4.23 17.19 -12.05
CA TYR A 311 -4.68 18.46 -12.59
C TYR A 311 -5.96 18.46 -13.46
N LYS A 312 -6.40 17.29 -13.96
CA LYS A 312 -7.60 17.27 -14.80
C LYS A 312 -8.89 17.18 -13.94
N SER A 313 -10.03 17.65 -14.50
CA SER A 313 -11.31 17.65 -13.80
C SER A 313 -11.90 16.23 -13.73
N PRO A 314 -12.87 15.94 -12.81
CA PRO A 314 -13.45 14.58 -12.77
C PRO A 314 -14.04 14.12 -14.11
N SER A 315 -14.67 15.04 -14.88
CA SER A 315 -15.23 14.69 -16.18
C SER A 315 -14.15 14.38 -17.24
N GLU A 316 -12.99 15.11 -17.19
CA GLU A 316 -11.85 14.89 -18.08
C GLU A 316 -11.21 13.52 -17.79
N LEU A 317 -11.12 13.17 -16.48
CA LEU A 317 -10.58 11.89 -16.00
C LEU A 317 -11.44 10.71 -16.41
N LEU A 318 -12.78 10.85 -16.32
CA LEU A 318 -13.73 9.82 -16.73
C LEU A 318 -13.67 9.64 -18.22
N GLU A 319 -13.44 10.75 -18.97
CA GLU A 319 -13.30 10.74 -20.41
C GLU A 319 -12.11 9.85 -20.81
N ILE A 320 -10.97 10.00 -20.10
CA ILE A 320 -9.77 9.22 -20.36
C ILE A 320 -10.08 7.72 -20.19
N CYS A 321 -10.81 7.37 -19.12
CA CYS A 321 -11.23 6.00 -18.79
C CYS A 321 -12.13 5.41 -19.86
N GLU A 322 -13.23 6.13 -20.19
CA GLU A 322 -14.20 5.72 -21.18
C GLU A 322 -13.56 5.53 -22.55
N LEU A 323 -12.86 6.57 -23.05
CA LEU A 323 -12.20 6.58 -24.35
C LEU A 323 -11.16 5.49 -24.49
N SER A 324 -10.29 5.28 -23.46
CA SER A 324 -9.26 4.25 -23.47
C SER A 324 -9.86 2.84 -23.42
N GLN A 325 -10.96 2.65 -22.66
CA GLN A 325 -11.65 1.35 -22.59
C GLN A 325 -12.25 1.03 -23.94
N GLU A 326 -12.78 2.04 -24.63
CA GLU A 326 -13.36 1.89 -25.96
C GLU A 326 -12.32 1.42 -26.97
N LYS A 327 -11.13 2.07 -27.00
CA LYS A 327 -10.04 1.69 -27.90
C LYS A 327 -9.55 0.27 -27.60
N MET A 328 -9.34 -0.05 -26.30
CA MET A 328 -8.87 -1.35 -25.84
C MET A 328 -9.83 -2.51 -26.10
N SER A 329 -11.17 -2.25 -26.02
CA SER A 329 -12.24 -3.26 -26.20
C SER A 329 -12.29 -3.93 -27.56
N SER A 330 -11.67 -3.33 -28.59
CA SER A 330 -11.58 -3.88 -29.93
C SER A 330 -10.65 -5.11 -29.96
N VAL A 331 -9.66 -5.16 -29.03
CA VAL A 331 -8.65 -6.22 -28.91
C VAL A 331 -8.83 -7.01 -27.60
N PHE A 332 -9.00 -6.29 -26.47
CA PHE A 332 -9.08 -6.82 -25.11
C PHE A 332 -10.47 -7.18 -24.61
N GLU A 333 -10.54 -8.26 -23.81
CA GLU A 333 -11.75 -8.74 -23.14
C GLU A 333 -11.97 -7.85 -21.91
N ASP A 334 -13.21 -7.80 -21.37
CA ASP A 334 -13.51 -6.96 -20.20
C ASP A 334 -12.76 -7.39 -18.96
N SER A 335 -12.45 -8.68 -18.84
CA SER A 335 -11.72 -9.29 -17.72
C SER A 335 -10.19 -9.02 -17.79
N ASN A 336 -9.71 -8.45 -18.91
CA ASN A 336 -8.30 -8.13 -19.14
C ASN A 336 -7.90 -7.06 -18.12
N VAL A 337 -6.72 -7.21 -17.50
CA VAL A 337 -6.22 -6.31 -16.44
C VAL A 337 -6.11 -4.83 -16.81
N TYR A 338 -5.84 -4.52 -18.08
CA TYR A 338 -5.72 -3.14 -18.54
C TYR A 338 -7.09 -2.48 -18.62
N MET A 339 -8.15 -3.28 -18.94
CA MET A 339 -9.54 -2.82 -18.97
C MET A 339 -9.96 -2.54 -17.52
N LEU A 340 -9.65 -3.51 -16.63
CA LEU A 340 -9.92 -3.49 -15.18
C LEU A 340 -9.24 -2.30 -14.49
N HIS A 341 -7.99 -1.96 -14.91
CA HIS A 341 -7.29 -0.80 -14.35
C HIS A 341 -8.11 0.47 -14.59
N MET A 342 -8.56 0.70 -15.84
CA MET A 342 -9.35 1.90 -16.18
C MET A 342 -10.69 1.94 -15.50
N MET A 343 -11.37 0.80 -15.39
CA MET A 343 -12.66 0.66 -14.71
C MET A 343 -12.53 1.03 -13.22
N TYR A 344 -11.44 0.56 -12.57
CA TYR A 344 -11.14 0.84 -11.17
C TYR A 344 -10.90 2.36 -10.98
N GLN A 345 -10.15 2.98 -11.91
CA GLN A 345 -9.88 4.41 -11.90
C GLN A 345 -11.16 5.18 -12.06
N ALA A 346 -12.02 4.74 -12.99
CA ALA A 346 -13.31 5.36 -13.26
C ALA A 346 -14.26 5.24 -12.06
N MET A 347 -14.25 4.07 -11.39
CA MET A 347 -15.04 3.85 -10.17
C MET A 347 -14.59 4.88 -9.09
N GLY A 348 -13.26 5.05 -8.96
CA GLY A 348 -12.67 5.99 -8.02
C GLY A 348 -13.11 7.42 -8.26
N VAL A 349 -13.21 7.83 -9.54
CA VAL A 349 -13.66 9.17 -9.88
C VAL A 349 -15.15 9.32 -9.49
N CYS A 350 -15.99 8.31 -9.82
CA CYS A 350 -17.40 8.28 -9.45
C CYS A 350 -17.57 8.42 -7.94
N LEU A 351 -16.78 7.67 -7.14
CA LEU A 351 -16.83 7.74 -5.69
C LEU A 351 -16.59 9.18 -5.20
N TYR A 352 -15.55 9.84 -5.75
CA TYR A 352 -15.21 11.22 -5.42
C TYR A 352 -16.36 12.18 -5.73
N MET A 353 -16.98 12.02 -6.92
CA MET A 353 -18.13 12.83 -7.37
C MET A 353 -19.42 12.47 -6.64
N GLN A 354 -19.37 11.46 -5.76
CA GLN A 354 -20.54 10.98 -5.02
C GLN A 354 -21.61 10.41 -5.98
N ASP A 355 -21.14 9.89 -7.14
CA ASP A 355 -21.99 9.22 -8.12
C ASP A 355 -21.98 7.73 -7.70
N TRP A 356 -22.81 7.41 -6.69
CA TRP A 356 -22.82 6.06 -6.14
C TRP A 356 -23.28 4.99 -7.13
N GLU A 357 -24.28 5.31 -7.97
CA GLU A 357 -24.77 4.39 -9.01
C GLU A 357 -23.69 4.09 -10.01
N GLY A 358 -22.95 5.11 -10.44
CA GLY A 358 -21.85 5.01 -11.40
C GLY A 358 -20.71 4.18 -10.86
N ALA A 359 -20.36 4.40 -9.56
CA ALA A 359 -19.32 3.65 -8.85
C ALA A 359 -19.72 2.17 -8.76
N LEU A 360 -21.00 1.90 -8.41
CA LEU A 360 -21.54 0.54 -8.32
C LEU A 360 -21.47 -0.15 -9.67
N GLN A 361 -21.91 0.55 -10.75
CA GLN A 361 -21.93 0.08 -12.15
C GLN A 361 -20.53 -0.48 -12.53
N TYR A 362 -19.44 0.24 -12.18
CA TYR A 362 -18.08 -0.19 -12.43
C TYR A 362 -17.63 -1.34 -11.53
N GLY A 363 -17.89 -1.23 -10.22
CA GLY A 363 -17.49 -2.25 -9.24
C GLY A 363 -18.02 -3.63 -9.57
N GLN A 364 -19.27 -3.67 -10.05
CA GLN A 364 -19.93 -4.91 -10.45
C GLN A 364 -19.15 -5.65 -11.58
N LYS A 365 -18.57 -4.89 -12.53
CA LYS A 365 -17.79 -5.41 -13.65
C LYS A 365 -16.37 -5.86 -13.23
N ILE A 366 -15.86 -5.30 -12.13
CA ILE A 366 -14.50 -5.54 -11.66
C ILE A 366 -14.36 -6.80 -10.78
N ILE A 367 -15.32 -7.01 -9.87
CA ILE A 367 -15.29 -8.07 -8.87
C ILE A 367 -14.99 -9.51 -9.33
N LYS A 368 -15.74 -10.05 -10.32
CA LYS A 368 -15.49 -11.42 -10.78
C LYS A 368 -14.08 -11.58 -11.37
N PRO A 369 -13.63 -10.75 -12.34
CA PRO A 369 -12.23 -10.86 -12.82
C PRO A 369 -11.16 -10.68 -11.73
N TYR A 370 -11.40 -9.83 -10.71
CA TYR A 370 -10.48 -9.62 -9.59
C TYR A 370 -10.26 -10.93 -8.85
N SER A 371 -11.36 -11.62 -8.50
CA SER A 371 -11.36 -12.92 -7.79
C SER A 371 -10.52 -13.94 -8.52
N LYS A 372 -10.60 -13.94 -9.86
CA LYS A 372 -9.85 -14.89 -10.66
C LYS A 372 -8.34 -14.56 -10.84
N HIS A 373 -7.98 -13.26 -10.92
CA HIS A 373 -6.58 -12.83 -11.13
C HIS A 373 -5.74 -12.73 -9.84
N TYR A 374 -6.37 -12.41 -8.71
CA TYR A 374 -5.67 -12.25 -7.44
C TYR A 374 -5.56 -13.57 -6.66
N PRO A 375 -4.56 -13.66 -5.72
CA PRO A 375 -4.44 -14.85 -4.87
C PRO A 375 -5.67 -15.13 -4.04
N LEU A 376 -5.77 -16.36 -3.50
CA LEU A 376 -6.92 -16.82 -2.72
C LEU A 376 -7.36 -15.84 -1.63
N TYR A 377 -6.43 -15.36 -0.83
CA TYR A 377 -6.84 -14.38 0.16
C TYR A 377 -6.14 -13.11 -0.29
N SER A 378 -6.95 -12.13 -0.68
CA SER A 378 -6.40 -10.93 -1.27
C SER A 378 -7.06 -9.74 -0.69
N LEU A 379 -6.27 -8.76 -0.22
CA LEU A 379 -6.84 -7.55 0.34
C LEU A 379 -7.50 -6.73 -0.77
N ASN A 380 -7.03 -6.89 -2.02
CA ASN A 380 -7.59 -6.18 -3.17
C ASN A 380 -8.99 -6.68 -3.46
N VAL A 381 -9.19 -7.99 -3.36
CA VAL A 381 -10.50 -8.63 -3.52
C VAL A 381 -11.42 -8.24 -2.35
N ALA A 382 -10.95 -8.36 -1.09
CA ALA A 382 -11.73 -8.03 0.10
C ALA A 382 -12.22 -6.59 0.06
N SER A 383 -11.34 -5.66 -0.33
CA SER A 383 -11.57 -4.22 -0.43
C SER A 383 -12.64 -3.90 -1.45
N MET A 384 -12.63 -4.62 -2.60
CA MET A 384 -13.61 -4.44 -3.67
C MET A 384 -14.97 -4.94 -3.19
N TRP A 385 -15.02 -6.11 -2.51
CA TRP A 385 -16.28 -6.62 -1.96
C TRP A 385 -16.87 -5.63 -0.96
N LEU A 386 -16.02 -5.05 -0.11
CA LEU A 386 -16.39 -4.09 0.92
C LEU A 386 -16.99 -2.78 0.31
N LYS A 387 -16.32 -2.21 -0.72
CA LYS A 387 -16.79 -1.02 -1.44
C LYS A 387 -18.18 -1.28 -2.07
N LEU A 388 -18.32 -2.43 -2.73
CA LEU A 388 -19.54 -2.90 -3.38
C LEU A 388 -20.67 -3.03 -2.32
N GLY A 389 -20.36 -3.66 -1.18
CA GLY A 389 -21.31 -3.82 -0.09
C GLY A 389 -21.81 -2.48 0.42
N ARG A 390 -20.89 -1.55 0.64
CA ARG A 390 -21.21 -0.22 1.11
C ARG A 390 -22.01 0.60 0.10
N LEU A 391 -21.73 0.41 -1.20
CA LEU A 391 -22.46 1.08 -2.26
C LEU A 391 -23.88 0.52 -2.32
N TYR A 392 -24.03 -0.83 -2.33
CA TYR A 392 -25.33 -1.50 -2.33
C TYR A 392 -26.14 -1.04 -1.11
N MET A 393 -25.54 -1.04 0.11
CA MET A 393 -26.20 -0.61 1.35
C MET A 393 -26.67 0.85 1.23
N GLY A 394 -25.75 1.74 0.80
CA GLY A 394 -26.03 3.16 0.59
C GLY A 394 -27.18 3.41 -0.37
N LEU A 395 -27.34 2.54 -1.39
CA LEU A 395 -28.37 2.64 -2.43
C LEU A 395 -29.63 1.81 -2.16
N GLU A 396 -29.84 1.42 -0.90
CA GLU A 396 -31.00 0.66 -0.45
C GLU A 396 -31.13 -0.79 -0.99
N HIS A 397 -30.03 -1.38 -1.49
CA HIS A 397 -30.00 -2.77 -1.97
C HIS A 397 -29.37 -3.63 -0.88
N LYS A 398 -30.08 -3.72 0.26
CA LYS A 398 -29.65 -4.39 1.49
C LYS A 398 -29.27 -5.87 1.42
N ALA A 399 -30.03 -6.70 0.66
CA ALA A 399 -29.68 -8.11 0.53
C ALA A 399 -28.34 -8.28 -0.23
N ALA A 400 -28.16 -7.53 -1.34
CA ALA A 400 -26.92 -7.58 -2.13
C ALA A 400 -25.75 -7.01 -1.33
N GLY A 401 -26.02 -5.94 -0.56
CA GLY A 401 -25.04 -5.30 0.31
C GLY A 401 -24.56 -6.23 1.39
N GLU A 402 -25.49 -6.91 2.07
CA GLU A 402 -25.15 -7.89 3.12
C GLU A 402 -24.29 -9.04 2.57
N LYS A 403 -24.64 -9.58 1.37
CA LYS A 403 -23.88 -10.64 0.71
C LYS A 403 -22.45 -10.18 0.44
N ALA A 404 -22.25 -8.96 -0.13
CA ALA A 404 -20.93 -8.42 -0.45
C ALA A 404 -20.11 -8.12 0.81
N LEU A 405 -20.77 -7.57 1.86
CA LEU A 405 -20.10 -7.29 3.14
C LEU A 405 -19.58 -8.57 3.81
N LYS A 406 -20.36 -9.68 3.71
CA LYS A 406 -20.01 -10.98 4.24
C LYS A 406 -18.88 -11.64 3.43
N LYS A 407 -18.79 -11.34 2.11
CA LYS A 407 -17.69 -11.81 1.26
C LYS A 407 -16.42 -11.10 1.72
N ALA A 408 -16.50 -9.77 2.02
CA ALA A 408 -15.34 -9.01 2.53
C ALA A 408 -14.85 -9.60 3.88
N ILE A 409 -15.79 -9.81 4.84
CA ILE A 409 -15.52 -10.41 6.14
C ILE A 409 -14.80 -11.74 6.05
N ALA A 410 -15.28 -12.67 5.17
CA ALA A 410 -14.68 -14.01 4.99
C ALA A 410 -13.19 -13.97 4.69
N ILE A 411 -12.74 -13.05 3.79
CA ILE A 411 -11.33 -12.85 3.47
C ILE A 411 -10.59 -12.16 4.62
N MET A 412 -11.21 -11.11 5.19
CA MET A 412 -10.60 -10.29 6.24
C MET A 412 -10.36 -11.06 7.54
N GLU A 413 -11.18 -12.07 7.81
CA GLU A 413 -11.01 -12.90 9.00
C GLU A 413 -9.64 -13.61 8.92
N VAL A 414 -9.24 -14.01 7.72
CA VAL A 414 -7.95 -14.66 7.51
C VAL A 414 -6.80 -13.62 7.61
N ALA A 415 -6.86 -12.56 6.79
CA ALA A 415 -5.83 -11.53 6.73
C ALA A 415 -5.68 -10.61 7.95
N HIS A 416 -6.81 -10.10 8.50
CA HIS A 416 -6.83 -9.16 9.62
C HIS A 416 -7.04 -9.80 10.99
N GLY A 417 -7.48 -11.04 11.02
CA GLY A 417 -7.84 -11.72 12.25
C GLY A 417 -9.32 -11.60 12.51
N LYS A 418 -9.93 -12.66 13.04
CA LYS A 418 -11.37 -12.71 13.31
C LYS A 418 -11.90 -11.56 14.18
N ASP A 419 -11.07 -11.11 15.11
CA ASP A 419 -11.32 -10.08 16.12
C ASP A 419 -10.94 -8.65 15.71
N HIS A 420 -10.59 -8.42 14.43
CA HIS A 420 -10.13 -7.09 14.01
C HIS A 420 -11.21 -6.01 14.15
N PRO A 421 -10.87 -4.80 14.69
CA PRO A 421 -11.86 -3.71 14.74
C PRO A 421 -12.59 -3.42 13.41
N TYR A 422 -11.91 -3.61 12.23
CA TYR A 422 -12.55 -3.40 10.93
C TYR A 422 -13.73 -4.36 10.72
N ILE A 423 -13.60 -5.60 11.18
CA ILE A 423 -14.66 -6.60 11.06
C ILE A 423 -15.85 -6.24 11.99
N SER A 424 -15.57 -5.76 13.24
CA SER A 424 -16.60 -5.30 14.16
C SER A 424 -17.39 -4.14 13.53
N GLU A 425 -16.70 -3.23 12.79
CA GLU A 425 -17.39 -2.12 12.10
C GLU A 425 -18.31 -2.65 11.00
N ILE A 426 -17.81 -3.63 10.19
CA ILE A 426 -18.59 -4.19 9.08
C ILE A 426 -19.82 -4.91 9.60
N LYS A 427 -19.67 -5.71 10.68
CA LYS A 427 -20.77 -6.43 11.32
C LYS A 427 -21.83 -5.46 11.82
N GLN A 428 -21.42 -4.31 12.42
CA GLN A 428 -22.32 -3.24 12.88
C GLN A 428 -23.11 -2.66 11.71
N GLU A 429 -22.44 -2.52 10.54
CA GLU A 429 -23.07 -2.05 9.30
C GLU A 429 -24.16 -3.05 8.84
N ILE A 430 -23.86 -4.36 8.90
CA ILE A 430 -24.82 -5.42 8.54
C ILE A 430 -26.03 -5.38 9.49
N GLU A 431 -25.77 -5.29 10.81
CA GLU A 431 -26.79 -5.29 11.85
C GLU A 431 -27.69 -4.04 11.89
N SER A 432 -27.10 -2.84 11.73
CA SER A 432 -27.85 -1.56 11.74
C SER A 432 -28.75 -1.41 10.50
N HIS A 433 -28.41 -2.14 9.40
CA HIS A 433 -29.06 -2.09 8.08
C HIS A 433 -28.85 -0.73 7.36
N LEU B 4 6.39 2.87 -1.80
CA LEU B 4 6.38 2.04 -0.60
C LEU B 4 5.53 0.77 -0.74
N LYS B 5 5.92 -0.29 0.02
CA LYS B 5 5.35 -1.64 0.05
C LYS B 5 3.89 -1.61 0.43
N SER B 6 3.02 -1.80 -0.58
CA SER B 6 1.56 -1.82 -0.47
C SER B 6 0.87 -2.69 -1.56
N LYS B 7 -0.44 -2.97 -1.33
CA LYS B 7 -1.37 -3.74 -2.16
C LYS B 7 -1.82 -2.97 -3.40
N LYS B 8 -2.01 -1.63 -3.31
CA LYS B 8 -2.39 -0.78 -4.45
C LYS B 8 -1.46 0.46 -4.61
N GLY B 9 -1.12 0.79 -5.87
CA GLY B 9 -0.26 1.92 -6.22
C GLY B 9 -0.95 2.97 -7.07
N SAM C . 16.60 -9.43 1.59
CA SAM C . 16.46 -8.16 2.28
C SAM C . 17.67 -7.84 3.15
O SAM C . 17.67 -6.75 3.82
OXT SAM C . 18.65 -8.62 3.21
CB SAM C . 15.14 -7.99 3.07
CG SAM C . 13.99 -7.53 2.19
SD SAM C . 14.36 -5.81 1.66
CE SAM C . 12.87 -4.80 2.12
C5' SAM C . 14.00 -5.70 -0.06
C4' SAM C . 15.22 -6.20 -0.77
O4' SAM C . 15.31 -7.62 -0.67
C3' SAM C . 15.03 -5.99 -2.28
O3' SAM C . 15.20 -4.64 -2.72
C2' SAM C . 15.91 -7.07 -2.89
O2' SAM C . 17.27 -6.77 -2.78
C1' SAM C . 15.64 -8.21 -1.91
N9 SAM C . 14.53 -9.12 -2.28
C8 SAM C . 13.25 -9.22 -1.73
N7 SAM C . 12.61 -10.16 -2.30
C5 SAM C . 13.39 -10.75 -3.26
C6 SAM C . 13.24 -11.82 -4.19
N6 SAM C . 12.09 -12.53 -4.29
N1 SAM C . 14.27 -12.10 -5.01
C2 SAM C . 15.46 -11.40 -4.96
N3 SAM C . 15.69 -10.39 -4.13
C4 SAM C . 14.66 -10.06 -3.26
O6 BU3 D . -22.01 6.78 1.42
C3 BU3 D . -23.17 6.54 0.58
C4 BU3 D . -24.46 6.53 1.41
C2 BU3 D . -22.97 5.18 -0.16
O5 BU3 D . -21.61 4.92 -0.48
C1 BU3 D . -23.88 4.98 -1.43
ZN ZN E . -5.28 8.54 19.48
ZN ZN F . 0.64 21.43 16.36
ZN ZN G . 7.13 -13.34 -8.63
#